data_1PIG
#
_entry.id   1PIG
#
_cell.length_a   70.500
_cell.length_b   114.800
_cell.length_c   118.700
_cell.angle_alpha   90.00
_cell.angle_beta   90.00
_cell.angle_gamma   90.00
#
_symmetry.space_group_name_H-M   'P 21 21 21'
#
loop_
_entity.id
_entity.type
_entity.pdbx_description
1 polymer ALPHA-AMYLASE
2 branched 4-amino-4,6-dideoxy-alpha-D-glucopyranose-(1-4)-alpha-D-glucopyranose
3 branched 4-amino-4,6-dideoxy-alpha-D-glucopyranose-(1-4)-alpha-D-glucopyranose-(1-4)-beta-D-glucopyranose
4 branched alpha-D-glucopyranose-(1-4)-alpha-D-glucopyranose
5 branched beta-D-glucopyranose-(1-4)-alpha-D-glucopyranose
6 non-polymer 5-HYDROXYMETHYL-CHONDURITOL
7 non-polymer beta-D-glucopyranose
8 non-polymer 'CALCIUM ION'
9 non-polymer 'CHLORIDE ION'
10 water water
#
_entity_poly.entity_id   1
_entity_poly.type   'polypeptide(L)'
_entity_poly.pdbx_seq_one_letter_code
;(PCA)YAPQTQSGRTSIVHLFEWRWVDIALECERYLGPKGFGGVQVSPPNENVVVTNPSRPWWERYQPVSYKLCTRSGNE
NEFRDMVTRCNNVGVRIYVDAVINHMCGSGAAAGTGTTCGSYCNPGSREFPAVPYSAWDFNDGKCKTASGGIESYNDPYQ
VRDCQLVGLLDLALEKDYVRSMIADYLNKLIDIGVAGFRIDASKHMWPGDIKAVLDKLHNLNTNWFPAGSRPFIFQEVID
LGGEAISSSEYFGNGRVTEFKYGAKLGTVVRKWSGEKMSYLKNWGEGWGFMPSDRALVFVDNHDNQRGHGAGGSSILTFW
DARLYKVAVGFMLAHPYGFTRVMSSYRWARNFVNGEDVNDWIGPPNNNGVIKEVTINADTTCGNDWVCEHRWREIRNMVW
FRNVVDGQPFANWWDNGSNQVAFGRGNRGFIVFNNDDWQLSSTLQTGLPGGTYCNVISGDKVGNSCTGIKVYVSSDGTAQ
FSISNSAQDPFIAIHAESKL
;
_entity_poly.pdbx_strand_id   A
#
loop_
_chem_comp.id
_chem_comp.type
_chem_comp.name
_chem_comp.formula
AGL D-saccharide, alpha linking 4-amino-4,6-dideoxy-alpha-D-glucopyranose 'C6 H13 N O4'
BGC D-saccharide, beta linking beta-D-glucopyranose 'C6 H12 O6'
CA non-polymer 'CALCIUM ION' 'Ca 2'
CL non-polymer 'CHLORIDE ION' 'Cl -1'
GLC D-saccharide, alpha linking alpha-D-glucopyranose 'C6 H12 O6'
HMC non-polymer 5-HYDROXYMETHYL-CHONDURITOL 'C7 H12 O5'
#
# COMPACT_ATOMS: atom_id res chain seq x y z
N PCA A 1 5.40 14.38 -9.84
CA PCA A 1 5.49 13.45 -8.72
CB PCA A 1 6.56 14.01 -7.80
CG PCA A 1 6.39 15.49 -8.08
CD PCA A 1 5.91 15.56 -9.51
OE PCA A 1 5.79 16.28 -10.52
C PCA A 1 4.24 13.08 -7.94
O PCA A 1 4.26 12.11 -7.19
N TYR A 2 3.18 13.87 -8.11
CA TYR A 2 1.94 13.58 -7.41
C TYR A 2 0.95 12.74 -8.23
N ALA A 3 1.15 12.72 -9.54
CA ALA A 3 0.28 11.96 -10.44
C ALA A 3 0.74 10.51 -10.51
N PRO A 4 -0.15 9.58 -10.16
CA PRO A 4 0.15 8.14 -10.17
C PRO A 4 0.59 7.58 -11.53
N GLN A 5 0.22 8.24 -12.61
CA GLN A 5 0.57 7.81 -13.96
C GLN A 5 -0.08 6.49 -14.37
N THR A 6 -1.16 6.13 -13.68
CA THR A 6 -1.90 4.91 -13.98
C THR A 6 -2.70 5.19 -15.25
N GLN A 7 -3.07 4.13 -15.97
CA GLN A 7 -3.88 4.27 -17.17
C GLN A 7 -5.15 5.05 -16.80
N SER A 8 -5.59 5.92 -17.70
CA SER A 8 -6.76 6.75 -17.45
C SER A 8 -7.94 5.96 -16.92
N GLY A 9 -8.52 6.44 -15.82
CA GLY A 9 -9.65 5.75 -15.21
C GLY A 9 -9.32 4.79 -14.09
N ARG A 10 -8.09 4.30 -14.02
CA ARG A 10 -7.69 3.37 -12.98
C ARG A 10 -7.27 4.17 -11.76
N THR A 11 -7.96 3.95 -10.65
CA THR A 11 -7.75 4.70 -9.42
C THR A 11 -7.07 4.05 -8.20
N SER A 12 -6.59 2.81 -8.31
CA SER A 12 -5.96 2.17 -7.16
C SER A 12 -4.68 1.42 -7.49
N ILE A 13 -3.89 1.15 -6.44
CA ILE A 13 -2.63 0.41 -6.52
C ILE A 13 -2.79 -0.76 -5.54
N VAL A 14 -2.14 -1.88 -5.83
CA VAL A 14 -2.21 -3.05 -4.96
C VAL A 14 -0.80 -3.44 -4.56
N HIS A 15 -0.60 -3.72 -3.28
CA HIS A 15 0.72 -4.16 -2.83
C HIS A 15 0.75 -5.67 -2.91
N LEU A 16 1.45 -6.21 -3.90
CA LEU A 16 1.57 -7.66 -4.02
C LEU A 16 2.83 -8.06 -3.23
N PHE A 17 2.67 -8.05 -1.93
CA PHE A 17 3.71 -8.35 -0.94
C PHE A 17 4.38 -9.70 -1.10
N GLU A 18 5.71 -9.66 -1.33
CA GLU A 18 6.55 -10.85 -1.49
C GLU A 18 6.24 -11.77 -2.68
N TRP A 19 5.44 -11.28 -3.62
CA TRP A 19 5.10 -12.07 -4.80
C TRP A 19 6.30 -12.16 -5.73
N ARG A 20 6.34 -13.21 -6.53
CA ARG A 20 7.41 -13.41 -7.49
C ARG A 20 7.06 -12.66 -8.76
N TRP A 21 8.08 -12.26 -9.51
CA TRP A 21 7.90 -11.50 -10.75
C TRP A 21 7.01 -12.21 -11.76
N VAL A 22 7.28 -13.50 -11.99
CA VAL A 22 6.49 -14.28 -12.92
C VAL A 22 5.01 -14.37 -12.52
N ASP A 23 4.73 -14.50 -11.23
CA ASP A 23 3.35 -14.58 -10.76
C ASP A 23 2.63 -13.23 -10.95
N ILE A 24 3.35 -12.13 -10.73
CA ILE A 24 2.77 -10.81 -10.92
C ILE A 24 2.46 -10.56 -12.41
N ALA A 25 3.38 -10.96 -13.28
CA ALA A 25 3.20 -10.82 -14.72
C ALA A 25 1.88 -11.48 -15.15
N LEU A 26 1.67 -12.71 -14.70
CA LEU A 26 0.46 -13.49 -14.98
C LEU A 26 -0.76 -12.79 -14.40
N GLU A 27 -0.66 -12.40 -13.13
CA GLU A 27 -1.75 -11.72 -12.43
C GLU A 27 -2.20 -10.46 -13.17
N CYS A 28 -1.25 -9.75 -13.78
CA CYS A 28 -1.55 -8.55 -14.54
C CYS A 28 -2.46 -8.87 -15.72
N GLU A 29 -2.08 -9.90 -16.47
CA GLU A 29 -2.81 -10.33 -17.65
C GLU A 29 -4.15 -11.03 -17.39
N ARG A 30 -4.19 -11.93 -16.42
CA ARG A 30 -5.41 -12.66 -16.12
C ARG A 30 -6.38 -11.95 -15.20
N TYR A 31 -5.90 -10.98 -14.42
CA TYR A 31 -6.80 -10.34 -13.48
C TYR A 31 -6.73 -8.84 -13.31
N LEU A 32 -5.57 -8.33 -12.93
CA LEU A 32 -5.41 -6.91 -12.67
C LEU A 32 -5.84 -5.99 -13.83
N GLY A 33 -5.45 -6.34 -15.05
CA GLY A 33 -5.82 -5.53 -16.19
C GLY A 33 -7.31 -5.54 -16.44
N PRO A 34 -7.90 -6.74 -16.63
CA PRO A 34 -9.33 -6.86 -16.87
C PRO A 34 -10.18 -6.26 -15.75
N LYS A 35 -9.73 -6.41 -14.50
CA LYS A 35 -10.46 -5.89 -13.35
C LYS A 35 -10.28 -4.41 -13.05
N GLY A 36 -9.50 -3.72 -13.87
CA GLY A 36 -9.32 -2.29 -13.68
C GLY A 36 -8.43 -1.80 -12.56
N PHE A 37 -7.46 -2.59 -12.13
CA PHE A 37 -6.54 -2.17 -11.08
C PHE A 37 -5.51 -1.28 -11.75
N GLY A 38 -5.15 -0.18 -11.08
CA GLY A 38 -4.19 0.75 -11.66
C GLY A 38 -2.73 0.35 -11.67
N GLY A 39 -2.27 -0.38 -10.67
CA GLY A 39 -0.87 -0.75 -10.64
C GLY A 39 -0.52 -1.66 -9.47
N VAL A 40 0.73 -2.07 -9.41
CA VAL A 40 1.22 -2.96 -8.37
C VAL A 40 2.46 -2.41 -7.69
N GLN A 41 2.48 -2.48 -6.35
CA GLN A 41 3.65 -2.07 -5.57
C GLN A 41 4.38 -3.38 -5.29
N VAL A 42 5.59 -3.50 -5.81
CA VAL A 42 6.39 -4.71 -5.63
C VAL A 42 7.34 -4.59 -4.45
N SER A 43 7.82 -5.73 -3.97
CA SER A 43 8.78 -5.76 -2.87
C SER A 43 10.12 -5.32 -3.46
N PRO A 44 11.09 -4.90 -2.62
CA PRO A 44 12.41 -4.46 -3.11
C PRO A 44 13.00 -5.43 -4.12
N PRO A 45 13.29 -4.96 -5.35
CA PRO A 45 13.86 -5.85 -6.37
C PRO A 45 15.39 -5.96 -6.34
N ASN A 46 16.04 -5.19 -5.46
CA ASN A 46 17.49 -5.18 -5.34
C ASN A 46 17.99 -6.26 -4.38
N GLU A 47 19.21 -6.74 -4.64
CA GLU A 47 19.85 -7.78 -3.83
C GLU A 47 19.92 -7.44 -2.34
N ASN A 48 19.60 -8.43 -1.51
CA ASN A 48 19.61 -8.22 -0.07
C ASN A 48 20.42 -9.30 0.64
N VAL A 49 20.66 -9.08 1.93
CA VAL A 49 21.41 -10.02 2.76
C VAL A 49 20.50 -11.22 3.10
N VAL A 50 21.10 -12.39 3.29
CA VAL A 50 20.35 -13.59 3.65
C VAL A 50 20.42 -13.76 5.17
N VAL A 51 19.25 -13.79 5.81
CA VAL A 51 19.15 -13.93 7.27
C VAL A 51 18.71 -15.35 7.59
N THR A 52 19.52 -16.05 8.39
CA THR A 52 19.22 -17.43 8.77
C THR A 52 18.68 -17.55 10.20
N ASN A 53 18.73 -16.44 10.94
CA ASN A 53 18.22 -16.40 12.30
C ASN A 53 17.44 -15.09 12.45
N PRO A 54 16.09 -15.13 12.27
CA PRO A 54 15.23 -16.27 11.93
C PRO A 54 15.42 -16.71 10.47
N SER A 55 14.81 -17.83 10.10
CA SER A 55 14.94 -18.38 8.75
C SER A 55 14.20 -17.61 7.66
N ARG A 56 14.95 -16.80 6.92
CA ARG A 56 14.41 -16.02 5.80
C ARG A 56 13.17 -15.20 6.14
N PRO A 57 13.33 -14.20 7.02
CA PRO A 57 12.21 -13.34 7.41
C PRO A 57 11.84 -12.46 6.22
N TRP A 58 10.62 -11.93 6.22
CA TRP A 58 10.20 -11.05 5.14
C TRP A 58 11.06 -9.79 5.18
N TRP A 59 11.51 -9.40 6.38
CA TRP A 59 12.31 -8.18 6.49
C TRP A 59 13.73 -8.19 6.01
N GLU A 60 14.26 -9.35 5.61
CA GLU A 60 15.63 -9.39 5.12
C GLU A 60 15.72 -8.57 3.84
N ARG A 61 14.59 -8.40 3.15
CA ARG A 61 14.56 -7.62 1.90
C ARG A 61 14.75 -6.13 2.11
N TYR A 62 14.81 -5.70 3.36
CA TYR A 62 15.01 -4.29 3.67
C TYR A 62 16.45 -4.06 4.15
N GLN A 63 17.33 -4.98 3.79
CA GLN A 63 18.74 -4.90 4.12
C GLN A 63 19.54 -5.12 2.85
N PRO A 64 19.67 -4.07 2.04
CA PRO A 64 20.40 -4.08 0.76
C PRO A 64 21.90 -4.35 0.87
N VAL A 65 22.44 -5.02 -0.15
CA VAL A 65 23.87 -5.31 -0.22
C VAL A 65 24.44 -4.85 -1.58
N SER A 66 23.55 -4.55 -2.52
CA SER A 66 23.93 -4.06 -3.84
C SER A 66 22.67 -3.64 -4.57
N TYR A 67 22.81 -3.11 -5.79
CA TYR A 67 21.65 -2.69 -6.54
C TYR A 67 21.32 -3.61 -7.71
N LYS A 68 21.78 -4.86 -7.63
CA LYS A 68 21.50 -5.85 -8.66
C LYS A 68 20.05 -6.34 -8.49
N LEU A 69 19.34 -6.47 -9.62
CA LEU A 69 17.95 -6.93 -9.60
C LEU A 69 18.01 -8.45 -9.53
N CYS A 70 18.17 -8.96 -8.31
CA CYS A 70 18.33 -10.39 -8.10
C CYS A 70 17.89 -10.74 -6.68
N THR A 71 16.68 -11.26 -6.55
CA THR A 71 16.12 -11.59 -5.24
C THR A 71 15.34 -12.90 -5.26
N ARG A 72 14.62 -13.18 -4.18
CA ARG A 72 13.81 -14.37 -4.10
C ARG A 72 12.58 -14.24 -5.00
N SER A 73 12.33 -13.02 -5.48
CA SER A 73 11.19 -12.77 -6.37
C SER A 73 11.56 -13.04 -7.82
N GLY A 74 12.87 -13.03 -8.12
CA GLY A 74 13.30 -13.30 -9.48
C GLY A 74 14.54 -12.55 -9.86
N ASN A 75 15.01 -12.80 -11.08
CA ASN A 75 16.21 -12.16 -11.59
C ASN A 75 15.80 -10.99 -12.47
N GLU A 76 16.78 -10.30 -13.05
CA GLU A 76 16.50 -9.14 -13.89
C GLU A 76 15.64 -9.42 -15.10
N ASN A 77 15.85 -10.56 -15.76
CA ASN A 77 15.06 -10.90 -16.94
C ASN A 77 13.59 -11.05 -16.61
N GLU A 78 13.32 -11.74 -15.51
CA GLU A 78 11.96 -11.94 -15.04
C GLU A 78 11.32 -10.62 -14.62
N PHE A 79 12.12 -9.72 -14.05
CA PHE A 79 11.64 -8.41 -13.64
C PHE A 79 11.24 -7.59 -14.88
N ARG A 80 12.13 -7.54 -15.88
CA ARG A 80 11.87 -6.81 -17.12
C ARG A 80 10.60 -7.33 -17.80
N ASP A 81 10.50 -8.66 -17.88
CA ASP A 81 9.37 -9.32 -18.49
C ASP A 81 8.07 -8.91 -17.80
N MET A 82 8.09 -8.87 -16.47
CA MET A 82 6.93 -8.48 -15.67
C MET A 82 6.50 -7.05 -16.00
N VAL A 83 7.44 -6.11 -15.93
CA VAL A 83 7.16 -4.70 -16.20
C VAL A 83 6.56 -4.50 -17.60
N THR A 84 7.13 -5.16 -18.59
CA THR A 84 6.63 -5.05 -19.96
C THR A 84 5.21 -5.61 -20.08
N ARG A 85 5.01 -6.85 -19.61
CA ARG A 85 3.71 -7.51 -19.68
C ARG A 85 2.61 -6.75 -18.96
N CYS A 86 2.90 -6.24 -17.77
CA CYS A 86 1.93 -5.48 -17.01
C CYS A 86 1.61 -4.16 -17.73
N ASN A 87 2.63 -3.45 -18.17
CA ASN A 87 2.45 -2.18 -18.87
C ASN A 87 1.58 -2.34 -20.10
N ASN A 88 1.81 -3.40 -20.84
CA ASN A 88 1.03 -3.68 -22.04
C ASN A 88 -0.46 -3.86 -21.77
N VAL A 89 -0.82 -4.34 -20.57
CA VAL A 89 -2.22 -4.52 -20.21
C VAL A 89 -2.77 -3.38 -19.35
N GLY A 90 -2.04 -2.27 -19.31
CA GLY A 90 -2.47 -1.10 -18.56
C GLY A 90 -2.21 -1.06 -17.07
N VAL A 91 -1.39 -1.98 -16.55
CA VAL A 91 -1.08 -2.00 -15.12
C VAL A 91 0.37 -1.54 -14.86
N ARG A 92 0.49 -0.44 -14.12
CA ARG A 92 1.79 0.16 -13.79
C ARG A 92 2.52 -0.58 -12.67
N ILE A 93 3.84 -0.44 -12.64
CA ILE A 93 4.67 -1.07 -11.62
C ILE A 93 5.34 0.03 -10.77
N TYR A 94 5.26 -0.09 -9.45
CA TYR A 94 5.87 0.86 -8.52
C TYR A 94 6.84 0.08 -7.66
N VAL A 95 8.09 0.52 -7.66
CA VAL A 95 9.13 -0.14 -6.90
C VAL A 95 9.32 0.41 -5.50
N ASP A 96 9.50 -0.49 -4.54
CA ASP A 96 9.77 -0.11 -3.17
C ASP A 96 11.28 0.17 -3.18
N ALA A 97 11.65 1.45 -3.09
CA ALA A 97 13.06 1.88 -3.12
C ALA A 97 13.68 2.04 -1.73
N VAL A 98 14.60 1.13 -1.41
CA VAL A 98 15.30 1.15 -0.11
C VAL A 98 16.61 1.86 -0.35
N ILE A 99 16.61 3.14 -0.04
CA ILE A 99 17.78 3.99 -0.27
C ILE A 99 18.36 4.73 0.94
N ASN A 100 17.75 4.58 2.11
CA ASN A 100 18.26 5.27 3.29
C ASN A 100 19.46 4.56 3.91
N HIS A 101 19.55 3.26 3.67
CA HIS A 101 20.58 2.47 4.31
C HIS A 101 20.92 1.21 3.55
N MET A 102 21.94 0.52 4.03
CA MET A 102 22.34 -0.77 3.48
C MET A 102 21.91 -1.79 4.53
N CYS A 103 22.59 -2.93 4.64
CA CYS A 103 22.20 -3.96 5.62
C CYS A 103 22.55 -3.62 7.08
N GLY A 104 22.24 -4.54 7.99
CA GLY A 104 22.54 -4.32 9.40
C GLY A 104 24.04 -4.33 9.66
N SER A 105 24.52 -3.34 10.41
CA SER A 105 25.94 -3.23 10.70
C SER A 105 26.56 -4.44 11.40
N GLY A 106 25.72 -5.22 12.07
CA GLY A 106 26.19 -6.40 12.78
C GLY A 106 26.25 -7.66 11.94
N ALA A 107 25.77 -7.59 10.70
CA ALA A 107 25.79 -8.75 9.82
C ALA A 107 27.24 -9.18 9.58
N ALA A 108 27.44 -10.45 9.26
CA ALA A 108 28.78 -10.97 9.03
C ALA A 108 29.25 -10.73 7.60
N ALA A 109 30.56 -10.63 7.43
CA ALA A 109 31.17 -10.44 6.13
C ALA A 109 31.05 -11.74 5.35
N GLY A 110 30.87 -11.64 4.03
CA GLY A 110 30.74 -12.84 3.24
C GLY A 110 29.89 -12.68 2.00
N THR A 111 29.48 -13.81 1.44
CA THR A 111 28.65 -13.84 0.25
C THR A 111 27.28 -14.48 0.52
N GLY A 112 26.83 -14.38 1.77
CA GLY A 112 25.53 -14.92 2.14
C GLY A 112 24.52 -13.85 1.76
N THR A 113 24.34 -13.68 0.46
CA THR A 113 23.46 -12.66 -0.09
C THR A 113 22.60 -13.30 -1.17
N THR A 114 21.48 -12.68 -1.54
CA THR A 114 20.59 -13.27 -2.53
C THR A 114 21.17 -13.48 -3.93
N CYS A 115 22.25 -12.79 -4.25
CA CYS A 115 22.85 -12.95 -5.57
C CYS A 115 24.31 -13.41 -5.49
N GLY A 116 24.83 -13.52 -4.27
CA GLY A 116 26.21 -13.96 -4.12
C GLY A 116 27.26 -12.86 -4.12
N SER A 117 26.84 -11.61 -3.99
CA SER A 117 27.78 -10.50 -3.95
C SER A 117 28.45 -10.54 -2.59
N TYR A 118 29.65 -9.98 -2.51
CA TYR A 118 30.37 -9.93 -1.26
C TYR A 118 30.15 -8.59 -0.60
N CYS A 119 30.15 -8.60 0.73
CA CYS A 119 30.01 -7.37 1.50
C CYS A 119 30.64 -7.63 2.86
N ASN A 120 31.01 -6.56 3.54
CA ASN A 120 31.59 -6.65 4.86
C ASN A 120 31.07 -5.43 5.64
N PRO A 121 29.85 -5.54 6.21
CA PRO A 121 29.24 -4.45 6.97
C PRO A 121 30.06 -3.92 8.14
N GLY A 122 30.96 -4.75 8.67
CA GLY A 122 31.81 -4.31 9.76
C GLY A 122 32.74 -3.21 9.27
N SER A 123 33.30 -3.39 8.08
CA SER A 123 34.19 -2.40 7.49
C SER A 123 33.47 -1.47 6.51
N ARG A 124 32.14 -1.53 6.51
CA ARG A 124 31.32 -0.68 5.64
C ARG A 124 31.68 -0.85 4.16
N GLU A 125 32.00 -2.07 3.75
CA GLU A 125 32.37 -2.27 2.36
C GLU A 125 31.38 -3.07 1.52
N PHE A 126 30.88 -2.41 0.48
CA PHE A 126 29.93 -3.00 -0.44
C PHE A 126 30.50 -2.86 -1.85
N PRO A 127 31.41 -3.78 -2.22
CA PRO A 127 32.10 -3.85 -3.51
C PRO A 127 31.19 -3.84 -4.73
N ALA A 128 30.03 -4.46 -4.62
CA ALA A 128 29.09 -4.55 -5.75
C ALA A 128 28.40 -3.26 -6.14
N VAL A 129 28.56 -2.20 -5.35
CA VAL A 129 27.92 -0.93 -5.66
C VAL A 129 28.79 0.00 -6.52
N PRO A 130 29.96 0.44 -6.01
CA PRO A 130 30.55 0.16 -4.69
C PRO A 130 30.36 1.29 -3.66
N TYR A 131 30.37 0.91 -2.40
CA TYR A 131 30.25 1.85 -1.30
C TYR A 131 31.37 1.48 -0.34
N SER A 132 31.84 2.45 0.42
CA SER A 132 32.88 2.20 1.40
C SER A 132 32.59 3.08 2.61
N ALA A 133 33.36 2.89 3.67
CA ALA A 133 33.18 3.63 4.90
C ALA A 133 32.83 5.11 4.81
N TRP A 134 33.44 5.82 3.87
CA TRP A 134 33.18 7.25 3.74
C TRP A 134 31.82 7.61 3.19
N ASP A 135 31.05 6.60 2.80
CA ASP A 135 29.72 6.80 2.25
C ASP A 135 28.63 6.63 3.29
N PHE A 136 29.01 6.51 4.57
CA PHE A 136 28.06 6.33 5.65
C PHE A 136 28.08 7.46 6.67
N ASN A 137 26.98 7.57 7.42
CA ASN A 137 26.80 8.63 8.43
C ASN A 137 27.36 8.37 9.83
N ASP A 138 28.13 7.31 10.01
CA ASP A 138 28.69 6.98 11.31
C ASP A 138 29.29 8.15 12.10
N GLY A 139 30.22 8.87 11.50
CA GLY A 139 30.84 10.00 12.19
C GLY A 139 29.95 11.21 12.34
N LYS A 140 28.77 11.17 11.73
CA LYS A 140 27.82 12.28 11.76
C LYS A 140 26.83 12.13 12.92
N CYS A 141 26.45 10.89 13.21
CA CYS A 141 25.51 10.60 14.30
C CYS A 141 26.09 10.96 15.66
N LYS A 142 25.31 11.68 16.46
CA LYS A 142 25.75 12.12 17.79
C LYS A 142 25.31 11.30 19.00
N THR A 143 24.73 10.12 18.81
CA THR A 143 24.32 9.33 19.96
C THR A 143 25.38 8.34 20.41
N ALA A 144 25.32 7.97 21.68
CA ALA A 144 26.27 7.02 22.26
C ALA A 144 26.13 5.67 21.57
N SER A 145 24.89 5.22 21.42
CA SER A 145 24.61 3.93 20.79
C SER A 145 24.89 3.95 19.29
N GLY A 146 24.79 5.12 18.68
CA GLY A 146 24.98 5.21 17.24
C GLY A 146 23.66 4.93 16.54
N GLY A 147 22.61 4.79 17.35
CA GLY A 147 21.28 4.53 16.84
C GLY A 147 20.33 5.66 17.20
N ILE A 148 19.09 5.56 16.72
CA ILE A 148 18.08 6.56 17.00
C ILE A 148 17.53 6.36 18.41
N GLU A 149 17.93 7.24 19.32
CA GLU A 149 17.47 7.16 20.71
C GLU A 149 16.21 7.98 21.02
N SER A 150 15.96 9.03 20.24
CA SER A 150 14.77 9.86 20.45
C SER A 150 14.21 10.39 19.14
N TYR A 151 12.91 10.22 18.94
CA TYR A 151 12.29 10.71 17.72
C TYR A 151 11.94 12.18 17.81
N ASN A 152 12.32 12.83 18.92
CA ASN A 152 12.05 14.25 19.07
C ASN A 152 13.26 15.09 18.66
N ASP A 153 14.31 14.41 18.24
CA ASP A 153 15.54 15.04 17.77
C ASP A 153 15.63 14.71 16.29
N PRO A 154 15.21 15.65 15.42
CA PRO A 154 15.25 15.45 13.98
C PRO A 154 16.60 15.02 13.42
N TYR A 155 17.68 15.38 14.12
CA TYR A 155 19.02 15.01 13.69
C TYR A 155 19.35 13.52 13.85
N GLN A 156 19.00 12.94 14.99
CA GLN A 156 19.24 11.51 15.23
C GLN A 156 18.46 10.71 14.20
N VAL A 157 17.18 11.04 14.06
CA VAL A 157 16.30 10.35 13.12
C VAL A 157 16.90 10.26 11.72
N ARG A 158 17.53 11.34 11.26
CA ARG A 158 18.14 11.39 9.94
C ARG A 158 19.56 10.84 9.83
N ASP A 159 20.43 11.24 10.76
CA ASP A 159 21.84 10.83 10.73
C ASP A 159 22.23 9.51 11.40
N CYS A 160 21.42 9.01 12.32
CA CYS A 160 21.76 7.79 13.02
C CYS A 160 21.12 6.55 12.42
N GLN A 161 21.52 5.39 12.94
CA GLN A 161 21.02 4.11 12.48
C GLN A 161 19.62 3.69 12.91
N LEU A 162 18.79 3.37 11.93
CA LEU A 162 17.44 2.89 12.16
C LEU A 162 17.61 1.40 12.38
N VAL A 163 17.23 0.92 13.56
CA VAL A 163 17.36 -0.50 13.94
C VAL A 163 18.68 -1.16 13.54
N GLY A 164 19.77 -0.41 13.67
CA GLY A 164 21.10 -0.90 13.36
C GLY A 164 21.47 -1.02 11.90
N LEU A 165 20.67 -0.43 11.02
CA LEU A 165 20.96 -0.49 9.60
C LEU A 165 21.99 0.59 9.23
N LEU A 166 23.01 0.20 8.49
CA LEU A 166 24.06 1.13 8.08
C LEU A 166 23.47 2.30 7.30
N ASP A 167 23.57 3.49 7.88
CA ASP A 167 23.02 4.72 7.32
C ASP A 167 23.87 5.39 6.23
N LEU A 168 23.34 5.50 5.02
CA LEU A 168 24.07 6.10 3.91
C LEU A 168 24.20 7.62 4.05
N ALA A 169 25.34 8.17 3.64
CA ALA A 169 25.59 9.62 3.71
C ALA A 169 24.95 10.25 2.47
N LEU A 170 23.66 10.51 2.57
CA LEU A 170 22.89 11.08 1.46
C LEU A 170 23.14 12.51 1.03
N GLU A 171 23.91 13.25 1.81
CA GLU A 171 24.19 14.63 1.41
C GLU A 171 25.34 14.62 0.39
N LYS A 172 25.99 13.47 0.24
CA LYS A 172 27.09 13.35 -0.68
C LYS A 172 26.61 12.99 -2.08
N ASP A 173 27.08 13.74 -3.06
CA ASP A 173 26.70 13.53 -4.44
C ASP A 173 27.07 12.15 -4.98
N TYR A 174 28.13 11.55 -4.45
CA TYR A 174 28.52 10.22 -4.89
C TYR A 174 27.39 9.25 -4.57
N VAL A 175 26.94 9.31 -3.32
CA VAL A 175 25.87 8.44 -2.84
C VAL A 175 24.58 8.72 -3.62
N ARG A 176 24.24 10.01 -3.76
CA ARG A 176 23.04 10.40 -4.49
C ARG A 176 23.05 9.88 -5.93
N SER A 177 24.22 9.89 -6.53
CA SER A 177 24.39 9.42 -7.90
C SER A 177 24.29 7.90 -8.03
N MET A 178 24.79 7.16 -7.05
CA MET A 178 24.69 5.70 -7.10
C MET A 178 23.21 5.33 -7.03
N ILE A 179 22.50 5.99 -6.13
CA ILE A 179 21.07 5.77 -5.93
C ILE A 179 20.26 6.13 -7.16
N ALA A 180 20.45 7.34 -7.69
CA ALA A 180 19.71 7.75 -8.89
C ALA A 180 20.04 6.86 -10.09
N ASP A 181 21.24 6.32 -10.12
CA ASP A 181 21.61 5.42 -11.20
C ASP A 181 20.75 4.15 -11.16
N TYR A 182 20.56 3.63 -9.96
CA TYR A 182 19.76 2.45 -9.73
C TYR A 182 18.30 2.72 -10.13
N LEU A 183 17.75 3.82 -9.61
CA LEU A 183 16.37 4.20 -9.91
C LEU A 183 16.15 4.45 -11.41
N ASN A 184 17.10 5.12 -12.06
CA ASN A 184 17.01 5.43 -13.48
C ASN A 184 16.98 4.18 -14.34
N LYS A 185 17.67 3.14 -13.91
CA LYS A 185 17.68 1.88 -14.64
C LYS A 185 16.27 1.27 -14.61
N LEU A 186 15.61 1.37 -13.46
CA LEU A 186 14.24 0.85 -13.29
C LEU A 186 13.26 1.64 -14.15
N ILE A 187 13.37 2.96 -14.11
CA ILE A 187 12.52 3.84 -14.90
C ILE A 187 12.61 3.48 -16.38
N ASP A 188 13.83 3.38 -16.88
CA ASP A 188 14.03 3.04 -18.28
C ASP A 188 13.47 1.68 -18.63
N ILE A 189 13.44 0.76 -17.65
CA ILE A 189 12.87 -0.55 -17.88
C ILE A 189 11.36 -0.37 -18.06
N GLY A 190 10.79 0.64 -17.40
CA GLY A 190 9.37 0.89 -17.54
C GLY A 190 8.61 1.13 -16.26
N VAL A 191 9.31 1.19 -15.13
CA VAL A 191 8.67 1.43 -13.84
C VAL A 191 8.03 2.82 -13.85
N ALA A 192 6.88 2.96 -13.20
CA ALA A 192 6.16 4.24 -13.18
C ALA A 192 6.41 5.12 -11.98
N GLY A 193 6.98 4.56 -10.92
CA GLY A 193 7.23 5.33 -9.73
C GLY A 193 7.82 4.50 -8.60
N PHE A 194 7.95 5.12 -7.44
CA PHE A 194 8.57 4.45 -6.30
C PHE A 194 7.95 4.79 -4.96
N ARG A 195 8.06 3.83 -4.04
CA ARG A 195 7.65 4.05 -2.67
C ARG A 195 9.03 4.32 -2.07
N ILE A 196 9.24 5.50 -1.49
CA ILE A 196 10.55 5.78 -0.91
C ILE A 196 10.51 5.27 0.54
N ASP A 197 11.19 4.17 0.78
CA ASP A 197 11.24 3.55 2.08
C ASP A 197 11.98 4.40 3.10
N ALA A 198 11.41 4.49 4.29
CA ALA A 198 12.01 5.24 5.39
C ALA A 198 12.40 6.67 5.05
N SER A 199 11.48 7.38 4.40
CA SER A 199 11.72 8.76 4.00
C SER A 199 11.99 9.67 5.18
N LYS A 200 11.31 9.39 6.30
CA LYS A 200 11.49 10.17 7.52
C LYS A 200 12.95 10.16 7.99
N HIS A 201 13.68 9.13 7.57
CA HIS A 201 15.07 8.97 7.97
C HIS A 201 16.09 9.63 7.03
N MET A 202 15.58 10.52 6.19
CA MET A 202 16.43 11.25 5.26
C MET A 202 15.90 12.66 5.25
N TRP A 203 16.78 13.62 5.01
CA TRP A 203 16.39 15.02 4.94
C TRP A 203 15.64 15.22 3.64
N PRO A 204 14.50 15.93 3.67
CA PRO A 204 13.70 16.20 2.47
C PRO A 204 14.56 16.67 1.29
N GLY A 205 15.56 17.50 1.61
CA GLY A 205 16.46 18.04 0.61
C GLY A 205 17.32 17.01 -0.09
N ASP A 206 17.76 15.99 0.63
CA ASP A 206 18.59 14.95 0.03
C ASP A 206 17.76 14.11 -0.95
N ILE A 207 16.52 13.82 -0.56
CA ILE A 207 15.62 13.06 -1.42
C ILE A 207 15.42 13.86 -2.69
N LYS A 208 15.14 15.15 -2.53
CA LYS A 208 14.94 16.05 -3.65
C LYS A 208 16.13 16.02 -4.61
N ALA A 209 17.35 16.12 -4.07
CA ALA A 209 18.54 16.09 -4.89
C ALA A 209 18.58 14.82 -5.75
N VAL A 210 18.17 13.69 -5.16
CA VAL A 210 18.13 12.41 -5.88
C VAL A 210 17.06 12.43 -6.97
N LEU A 211 15.86 12.86 -6.60
CA LEU A 211 14.74 12.92 -7.52
C LEU A 211 14.99 13.80 -8.74
N ASP A 212 15.73 14.88 -8.56
CA ASP A 212 16.02 15.77 -9.68
C ASP A 212 16.87 15.11 -10.75
N LYS A 213 17.53 14.01 -10.42
CA LYS A 213 18.38 13.29 -11.36
C LYS A 213 17.62 12.23 -12.14
N LEU A 214 16.34 12.05 -11.82
CA LEU A 214 15.55 11.01 -12.45
C LEU A 214 15.07 11.28 -13.87
N HIS A 215 15.05 10.22 -14.66
CA HIS A 215 14.62 10.26 -16.05
C HIS A 215 13.11 10.41 -16.18
N ASN A 216 12.68 10.89 -17.33
CA ASN A 216 11.24 10.97 -17.62
C ASN A 216 10.88 9.51 -17.90
N LEU A 217 9.60 9.17 -17.74
CA LEU A 217 9.14 7.81 -17.94
C LEU A 217 9.23 7.33 -19.39
N ASN A 218 9.40 6.02 -19.55
CA ASN A 218 9.53 5.37 -20.84
C ASN A 218 8.38 5.65 -21.80
N THR A 219 8.68 6.38 -22.87
CA THR A 219 7.69 6.76 -23.87
C THR A 219 6.97 5.62 -24.62
N ASN A 220 7.40 4.39 -24.42
CA ASN A 220 6.72 3.28 -25.05
C ASN A 220 5.34 3.13 -24.42
N TRP A 221 5.22 3.58 -23.18
CA TRP A 221 3.94 3.49 -22.46
C TRP A 221 3.44 4.80 -21.88
N PHE A 222 4.35 5.75 -21.67
CA PHE A 222 3.95 7.02 -21.09
C PHE A 222 4.21 8.18 -22.04
N PRO A 223 3.43 9.28 -21.91
CA PRO A 223 3.60 10.45 -22.77
C PRO A 223 4.96 11.08 -22.48
N ALA A 224 5.50 11.80 -23.46
CA ALA A 224 6.79 12.44 -23.30
C ALA A 224 6.70 13.44 -22.16
N GLY A 225 7.80 13.61 -21.43
CA GLY A 225 7.83 14.54 -20.32
C GLY A 225 7.17 14.06 -19.03
N SER A 226 6.78 12.78 -18.96
CA SER A 226 6.15 12.24 -17.76
C SER A 226 7.16 12.01 -16.66
N ARG A 227 6.85 12.51 -15.46
CA ARG A 227 7.71 12.37 -14.30
C ARG A 227 7.22 11.19 -13.46
N PRO A 228 8.14 10.44 -12.84
CA PRO A 228 7.72 9.30 -12.02
C PRO A 228 6.90 9.70 -10.79
N PHE A 229 5.96 8.82 -10.42
CA PHE A 229 5.10 9.03 -9.27
C PHE A 229 5.93 8.68 -8.04
N ILE A 230 5.90 9.53 -7.03
CA ILE A 230 6.67 9.27 -5.82
C ILE A 230 5.77 9.34 -4.58
N PHE A 231 5.84 8.31 -3.75
CA PHE A 231 5.12 8.33 -2.49
C PHE A 231 6.12 7.92 -1.41
N GLN A 232 6.31 8.83 -0.47
CA GLN A 232 7.27 8.67 0.61
C GLN A 232 6.64 8.11 1.87
N GLU A 233 7.29 7.10 2.45
CA GLU A 233 6.80 6.52 3.69
C GLU A 233 7.28 7.39 4.85
N VAL A 234 6.36 8.14 5.44
CA VAL A 234 6.66 9.00 6.57
C VAL A 234 5.55 8.74 7.56
N ILE A 235 5.90 8.14 8.69
CA ILE A 235 4.92 7.86 9.73
C ILE A 235 4.81 9.09 10.64
N ASP A 236 3.66 9.76 10.62
CA ASP A 236 3.45 10.93 11.45
C ASP A 236 2.01 10.94 11.95
N LEU A 237 1.81 10.52 13.20
CA LEU A 237 0.45 10.50 13.76
C LEU A 237 0.15 11.78 14.54
N GLY A 238 1.00 12.77 14.36
CA GLY A 238 0.84 14.04 15.05
C GLY A 238 1.61 14.05 16.36
N GLY A 239 2.03 15.21 16.81
CA GLY A 239 2.76 15.30 18.07
C GLY A 239 4.17 14.70 18.11
N GLU A 240 4.95 14.93 17.06
CA GLU A 240 6.33 14.44 17.00
C GLU A 240 7.16 15.54 16.35
N ALA A 241 8.48 15.40 16.37
CA ALA A 241 9.35 16.42 15.82
C ALA A 241 9.24 16.63 14.31
N ILE A 242 9.35 15.55 13.55
CA ILE A 242 9.27 15.61 12.10
C ILE A 242 7.82 15.52 11.65
N SER A 243 7.43 16.36 10.69
CA SER A 243 6.06 16.39 10.19
C SER A 243 6.00 15.97 8.74
N SER A 244 4.89 15.36 8.33
CA SER A 244 4.68 14.91 6.96
C SER A 244 4.84 16.03 5.93
N SER A 245 4.40 17.23 6.28
CA SER A 245 4.46 18.38 5.40
C SER A 245 5.86 18.73 4.90
N GLU A 246 6.88 18.34 5.65
CA GLU A 246 8.25 18.63 5.26
C GLU A 246 8.63 17.94 3.95
N TYR A 247 7.87 16.91 3.58
CA TYR A 247 8.13 16.13 2.38
C TYR A 247 7.16 16.37 1.23
N PHE A 248 6.26 17.35 1.38
CA PHE A 248 5.29 17.64 0.33
C PHE A 248 5.90 18.06 -1.00
N GLY A 249 7.06 18.71 -0.94
CA GLY A 249 7.71 19.16 -2.16
C GLY A 249 8.28 18.07 -3.02
N ASN A 250 8.48 16.89 -2.45
CA ASN A 250 9.04 15.76 -3.18
C ASN A 250 8.02 14.88 -3.88
N GLY A 251 6.80 14.85 -3.36
CA GLY A 251 5.75 14.04 -3.96
C GLY A 251 4.70 13.78 -2.91
N ARG A 252 3.96 12.69 -3.05
CA ARG A 252 2.93 12.35 -2.09
C ARG A 252 3.55 11.68 -0.85
N VAL A 253 2.78 11.60 0.22
CA VAL A 253 3.26 11.02 1.47
C VAL A 253 2.23 10.04 2.01
N THR A 254 2.69 9.03 2.73
CA THR A 254 1.80 8.06 3.34
C THR A 254 1.06 8.69 4.50
N GLU A 255 -0.28 8.64 4.47
CA GLU A 255 -1.07 9.20 5.55
C GLU A 255 -1.42 8.06 6.53
N PHE A 256 -0.54 7.82 7.50
CA PHE A 256 -0.74 6.77 8.49
C PHE A 256 -1.85 7.08 9.51
N LYS A 257 -2.30 8.33 9.57
CA LYS A 257 -3.38 8.69 10.48
C LYS A 257 -4.67 8.03 10.00
N TYR A 258 -4.79 7.90 8.68
CA TYR A 258 -5.95 7.33 8.02
C TYR A 258 -6.39 5.96 8.58
N GLY A 259 -5.50 4.98 8.46
CA GLY A 259 -5.78 3.63 8.93
C GLY A 259 -5.92 3.51 10.43
N ALA A 260 -5.14 4.28 11.17
CA ALA A 260 -5.19 4.25 12.64
C ALA A 260 -6.55 4.75 13.13
N LYS A 261 -7.01 5.87 12.57
CA LYS A 261 -8.29 6.45 12.96
C LYS A 261 -9.46 5.60 12.47
N LEU A 262 -9.41 5.19 11.20
CA LEU A 262 -10.50 4.39 10.64
C LEU A 262 -10.64 3.05 11.36
N GLY A 263 -9.54 2.45 11.76
CA GLY A 263 -9.59 1.19 12.47
C GLY A 263 -10.31 1.35 13.81
N THR A 264 -9.94 2.38 14.55
CA THR A 264 -10.55 2.66 15.84
C THR A 264 -12.05 2.95 15.72
N VAL A 265 -12.43 3.72 14.70
CA VAL A 265 -13.82 4.06 14.45
C VAL A 265 -14.65 2.83 14.06
N VAL A 266 -14.16 2.04 13.12
CA VAL A 266 -14.89 0.86 12.69
C VAL A 266 -15.00 -0.19 13.81
N ARG A 267 -13.97 -0.28 14.65
CA ARG A 267 -13.97 -1.22 15.78
C ARG A 267 -14.84 -0.67 16.90
N LYS A 268 -15.11 0.63 16.83
CA LYS A 268 -15.91 1.33 17.83
C LYS A 268 -15.20 1.42 19.19
N TRP A 269 -13.90 1.73 19.15
CA TRP A 269 -13.10 1.90 20.36
C TRP A 269 -12.99 3.38 20.71
N SER A 270 -12.64 3.66 21.97
CA SER A 270 -12.48 5.03 22.45
C SER A 270 -13.66 5.96 22.24
N GLY A 271 -14.88 5.42 22.28
CA GLY A 271 -16.06 6.24 22.10
C GLY A 271 -16.31 6.76 20.69
N GLU A 272 -15.60 6.21 19.71
CA GLU A 272 -15.76 6.60 18.31
C GLU A 272 -16.99 5.97 17.66
N LYS A 273 -17.69 6.75 16.83
CA LYS A 273 -18.88 6.29 16.13
C LYS A 273 -18.71 6.56 14.64
N MET A 274 -19.32 5.72 13.80
CA MET A 274 -19.21 5.91 12.36
C MET A 274 -19.84 7.22 11.90
N SER A 275 -20.80 7.74 12.65
CA SER A 275 -21.42 9.00 12.27
C SER A 275 -20.40 10.15 12.32
N TYR A 276 -19.29 9.94 13.04
CA TYR A 276 -18.23 10.95 13.16
C TYR A 276 -17.46 11.11 11.83
N LEU A 277 -17.68 10.17 10.92
CA LEU A 277 -17.00 10.17 9.63
C LEU A 277 -17.55 11.16 8.60
N LYS A 278 -18.61 11.90 8.95
CA LYS A 278 -19.21 12.86 8.02
C LYS A 278 -18.18 13.82 7.38
N ASN A 279 -17.20 14.25 8.18
CA ASN A 279 -16.17 15.17 7.71
C ASN A 279 -14.81 14.47 7.55
N TRP A 280 -14.84 13.20 7.15
CA TRP A 280 -13.62 12.41 6.96
C TRP A 280 -12.73 13.11 5.94
N GLY A 281 -11.42 13.05 6.14
CA GLY A 281 -10.49 13.68 5.23
C GLY A 281 -9.73 14.77 5.98
N GLU A 282 -9.67 15.95 5.39
CA GLU A 282 -8.96 17.08 6.01
C GLU A 282 -9.65 17.50 7.32
N GLY A 283 -10.95 17.24 7.43
CA GLY A 283 -11.69 17.59 8.63
C GLY A 283 -11.21 16.88 9.88
N TRP A 284 -10.50 15.77 9.67
CA TRP A 284 -9.94 14.98 10.77
C TRP A 284 -8.46 15.30 10.95
N GLY A 285 -8.02 16.42 10.37
CA GLY A 285 -6.62 16.84 10.48
C GLY A 285 -5.64 16.11 9.58
N PHE A 286 -6.15 15.48 8.51
CA PHE A 286 -5.30 14.77 7.58
C PHE A 286 -4.64 15.75 6.62
N MET A 287 -3.58 15.30 5.95
CA MET A 287 -2.85 16.12 4.98
C MET A 287 -3.76 16.38 3.77
N PRO A 288 -3.34 17.28 2.87
CA PRO A 288 -4.18 17.56 1.69
C PRO A 288 -4.41 16.28 0.89
N SER A 289 -5.62 16.12 0.39
CA SER A 289 -5.99 14.94 -0.39
C SER A 289 -5.04 14.69 -1.56
N ASP A 290 -4.63 15.74 -2.26
CA ASP A 290 -3.73 15.57 -3.38
C ASP A 290 -2.27 15.29 -2.99
N ARG A 291 -2.02 15.15 -1.70
CA ARG A 291 -0.68 14.86 -1.23
C ARG A 291 -0.66 13.52 -0.52
N ALA A 292 -1.81 12.89 -0.37
CA ALA A 292 -1.87 11.64 0.38
C ALA A 292 -2.03 10.34 -0.35
N LEU A 293 -1.38 9.32 0.20
CA LEU A 293 -1.49 7.95 -0.29
C LEU A 293 -2.14 7.30 0.93
N VAL A 294 -3.33 6.75 0.74
CA VAL A 294 -4.06 6.15 1.86
C VAL A 294 -4.21 4.63 1.76
N PHE A 295 -4.46 4.02 2.92
CA PHE A 295 -4.59 2.57 3.03
C PHE A 295 -5.12 2.23 4.43
N VAL A 296 -5.71 1.05 4.57
CA VAL A 296 -6.25 0.60 5.86
C VAL A 296 -5.13 -0.01 6.68
N ASP A 297 -4.33 -0.86 6.05
CA ASP A 297 -3.20 -1.50 6.69
C ASP A 297 -2.06 -1.62 5.66
N ASN A 298 -0.84 -1.82 6.14
CA ASN A 298 0.29 -1.98 5.24
C ASN A 298 1.09 -3.20 5.71
N HIS A 299 2.19 -3.51 5.03
CA HIS A 299 2.97 -4.69 5.38
C HIS A 299 3.54 -4.67 6.80
N ASP A 300 3.75 -3.49 7.35
CA ASP A 300 4.27 -3.35 8.70
C ASP A 300 3.23 -3.49 9.80
N ASN A 301 2.24 -2.60 9.79
CA ASN A 301 1.23 -2.60 10.84
C ASN A 301 0.24 -3.74 10.86
N GLN A 302 0.18 -4.55 9.81
CA GLN A 302 -0.72 -5.69 9.83
C GLN A 302 -0.11 -6.78 10.71
N ARG A 303 1.17 -6.62 11.05
CA ARG A 303 1.89 -7.58 11.88
C ARG A 303 2.58 -6.95 13.09
N GLY A 304 2.07 -5.82 13.55
CA GLY A 304 2.65 -5.16 14.71
C GLY A 304 3.75 -4.14 14.55
N HIS A 305 4.41 -4.08 13.38
CA HIS A 305 5.48 -3.11 13.16
C HIS A 305 4.90 -1.74 12.78
N GLY A 306 5.74 -0.71 12.79
CA GLY A 306 5.31 0.62 12.41
C GLY A 306 4.36 1.31 13.38
N ALA A 307 3.29 1.92 12.84
CA ALA A 307 2.32 2.64 13.63
C ALA A 307 0.89 2.13 13.42
N GLY A 308 0.00 2.41 14.38
CA GLY A 308 -1.38 1.97 14.30
C GLY A 308 -1.76 1.12 15.51
N GLY A 309 -0.93 0.14 15.82
CA GLY A 309 -1.18 -0.71 16.98
C GLY A 309 -2.29 -1.72 16.77
N SER A 310 -3.02 -1.98 17.85
CA SER A 310 -4.10 -2.95 17.80
C SER A 310 -5.33 -2.49 17.03
N SER A 311 -5.52 -1.19 16.87
CA SER A 311 -6.68 -0.69 16.14
C SER A 311 -6.65 -1.01 14.65
N ILE A 312 -5.45 -1.26 14.11
CA ILE A 312 -5.33 -1.57 12.68
C ILE A 312 -6.12 -2.81 12.30
N LEU A 313 -6.94 -2.69 11.26
CA LEU A 313 -7.75 -3.79 10.76
C LEU A 313 -6.97 -4.52 9.67
N THR A 314 -6.94 -5.86 9.73
CA THR A 314 -6.23 -6.66 8.74
C THR A 314 -7.15 -7.77 8.28
N PHE A 315 -6.67 -8.60 7.36
CA PHE A 315 -7.46 -9.71 6.85
C PHE A 315 -7.89 -10.65 7.96
N TRP A 316 -7.20 -10.59 9.10
CA TRP A 316 -7.53 -11.47 10.23
C TRP A 316 -8.93 -11.17 10.76
N ASP A 317 -9.36 -9.92 10.60
CA ASP A 317 -10.69 -9.48 11.01
C ASP A 317 -11.45 -9.18 9.72
N ALA A 318 -11.54 -10.20 8.88
CA ALA A 318 -12.17 -10.11 7.57
C ALA A 318 -13.46 -9.30 7.44
N ARG A 319 -14.42 -9.54 8.32
CA ARG A 319 -15.70 -8.83 8.24
C ARG A 319 -15.58 -7.32 8.40
N LEU A 320 -14.86 -6.88 9.43
CA LEU A 320 -14.67 -5.45 9.66
C LEU A 320 -13.68 -4.85 8.65
N TYR A 321 -12.72 -5.66 8.22
CA TYR A 321 -11.72 -5.22 7.26
C TYR A 321 -12.40 -4.77 5.96
N LYS A 322 -13.32 -5.59 5.45
CA LYS A 322 -14.05 -5.27 4.22
C LYS A 322 -14.87 -3.99 4.32
N VAL A 323 -15.44 -3.74 5.50
CA VAL A 323 -16.22 -2.52 5.72
C VAL A 323 -15.26 -1.31 5.63
N ALA A 324 -14.13 -1.40 6.32
CA ALA A 324 -13.13 -0.33 6.32
C ALA A 324 -12.59 -0.10 4.92
N VAL A 325 -12.24 -1.17 4.23
CA VAL A 325 -11.73 -1.06 2.86
C VAL A 325 -12.84 -0.49 1.96
N GLY A 326 -14.06 -0.94 2.19
CA GLY A 326 -15.19 -0.44 1.41
C GLY A 326 -15.35 1.06 1.57
N PHE A 327 -15.28 1.53 2.82
CA PHE A 327 -15.41 2.96 3.09
C PHE A 327 -14.30 3.78 2.44
N MET A 328 -13.07 3.28 2.52
CA MET A 328 -11.92 3.96 1.93
C MET A 328 -12.06 4.10 0.41
N LEU A 329 -12.40 3.00 -0.25
CA LEU A 329 -12.54 2.96 -1.70
C LEU A 329 -13.72 3.78 -2.23
N ALA A 330 -14.70 4.04 -1.37
CA ALA A 330 -15.87 4.83 -1.76
C ALA A 330 -15.67 6.32 -1.50
N HIS A 331 -14.87 6.65 -0.49
CA HIS A 331 -14.62 8.05 -0.14
C HIS A 331 -13.64 8.72 -1.11
N PRO A 332 -13.89 9.98 -1.49
CA PRO A 332 -13.03 10.71 -2.40
C PRO A 332 -11.60 11.07 -1.98
N TYR A 333 -11.32 11.05 -0.67
CA TYR A 333 -10.01 11.43 -0.15
C TYR A 333 -8.80 10.55 -0.49
N GLY A 334 -7.75 11.19 -1.00
CA GLY A 334 -6.50 10.51 -1.32
C GLY A 334 -6.46 9.49 -2.43
N PHE A 335 -5.26 8.97 -2.67
CA PHE A 335 -5.04 7.93 -3.68
C PHE A 335 -4.93 6.65 -2.86
N THR A 336 -5.71 5.64 -3.24
CA THR A 336 -5.78 4.39 -2.51
C THR A 336 -4.87 3.22 -2.86
N ARG A 337 -4.37 2.56 -1.82
CA ARG A 337 -3.53 1.37 -1.98
C ARG A 337 -4.19 0.19 -1.24
N VAL A 338 -4.46 -0.87 -1.98
CA VAL A 338 -5.08 -2.09 -1.46
C VAL A 338 -3.97 -3.08 -1.11
N MET A 339 -4.09 -3.70 0.05
CA MET A 339 -3.11 -4.67 0.53
C MET A 339 -3.43 -6.09 0.07
N SER A 340 -2.40 -6.87 -0.22
CA SER A 340 -2.57 -8.27 -0.63
C SER A 340 -1.47 -9.04 0.14
N SER A 341 -1.88 -9.83 1.12
CA SER A 341 -0.94 -10.55 1.98
C SER A 341 -0.90 -12.06 1.87
N TYR A 342 -0.12 -12.65 2.77
CA TYR A 342 0.01 -14.10 2.88
C TYR A 342 -0.28 -14.44 4.33
N ARG A 343 -0.79 -15.64 4.56
CA ARG A 343 -1.14 -16.10 5.90
C ARG A 343 0.09 -16.67 6.59
N TRP A 344 0.20 -16.45 7.91
CA TRP A 344 1.31 -16.96 8.70
C TRP A 344 0.77 -17.40 10.04
N ALA A 345 1.53 -18.23 10.75
CA ALA A 345 1.13 -18.73 12.06
C ALA A 345 1.44 -17.73 13.16
N ARG A 346 0.44 -16.96 13.57
CA ARG A 346 0.61 -15.98 14.63
C ARG A 346 0.73 -16.68 15.98
N ASN A 347 1.59 -16.15 16.83
CA ASN A 347 1.80 -16.71 18.16
C ASN A 347 1.99 -15.57 19.15
N PHE A 348 0.92 -15.24 19.85
CA PHE A 348 0.96 -14.19 20.83
C PHE A 348 1.49 -14.65 22.17
N VAL A 349 2.50 -13.95 22.63
CA VAL A 349 3.14 -14.22 23.90
C VAL A 349 3.27 -12.84 24.53
N ASN A 350 2.51 -12.62 25.59
CA ASN A 350 2.47 -11.35 26.30
C ASN A 350 1.88 -10.28 25.38
N GLY A 351 0.87 -10.68 24.61
CA GLY A 351 0.21 -9.76 23.69
C GLY A 351 1.08 -9.31 22.53
N GLU A 352 2.09 -10.11 22.19
CA GLU A 352 2.99 -9.79 21.09
C GLU A 352 3.10 -11.00 20.17
N ASP A 353 3.05 -10.78 18.87
CA ASP A 353 3.17 -11.88 17.92
C ASP A 353 4.64 -12.18 17.75
N VAL A 354 5.09 -13.24 18.40
CA VAL A 354 6.49 -13.63 18.32
C VAL A 354 6.85 -14.14 16.94
N ASN A 355 5.85 -14.55 16.16
CA ASN A 355 6.09 -15.07 14.82
C ASN A 355 5.95 -14.02 13.71
N ASP A 356 6.03 -12.74 14.07
CA ASP A 356 5.89 -11.64 13.10
C ASP A 356 6.96 -11.54 12.02
N TRP A 357 8.00 -12.35 12.15
CA TRP A 357 9.11 -12.38 11.21
C TRP A 357 8.89 -13.30 10.01
N ILE A 358 8.00 -14.27 10.17
CA ILE A 358 7.73 -15.26 9.11
C ILE A 358 7.60 -14.67 7.71
N GLY A 359 8.42 -15.20 6.80
CA GLY A 359 8.42 -14.73 5.43
C GLY A 359 7.33 -15.38 4.60
N PRO A 360 7.26 -15.07 3.30
CA PRO A 360 6.26 -15.60 2.37
C PRO A 360 6.22 -17.13 2.28
N PRO A 361 5.07 -17.69 1.88
CA PRO A 361 4.89 -19.15 1.75
C PRO A 361 6.06 -19.69 0.95
N ASN A 362 6.67 -20.77 1.42
CA ASN A 362 7.84 -21.28 0.73
C ASN A 362 8.13 -22.74 0.94
N ASN A 363 8.88 -23.30 0.00
CA ASN A 363 9.30 -24.68 0.04
C ASN A 363 10.81 -24.64 0.26
N ASN A 364 11.19 -24.69 1.53
CA ASN A 364 12.59 -24.68 1.94
C ASN A 364 13.31 -23.41 1.50
N GLY A 365 12.69 -22.26 1.77
CA GLY A 365 13.28 -20.98 1.40
C GLY A 365 12.92 -20.45 0.04
N VAL A 366 12.40 -21.31 -0.84
CA VAL A 366 12.00 -20.92 -2.19
C VAL A 366 10.53 -20.52 -2.17
N ILE A 367 10.25 -19.29 -2.59
CA ILE A 367 8.88 -18.80 -2.60
C ILE A 367 7.95 -19.65 -3.46
N LYS A 368 6.79 -19.98 -2.91
CA LYS A 368 5.78 -20.78 -3.61
C LYS A 368 5.06 -19.96 -4.67
N GLU A 369 4.62 -20.66 -5.71
CA GLU A 369 3.89 -20.05 -6.80
C GLU A 369 2.49 -19.68 -6.29
N VAL A 370 1.85 -18.69 -6.92
CA VAL A 370 0.51 -18.30 -6.53
C VAL A 370 -0.47 -19.11 -7.37
N THR A 371 -1.19 -20.04 -6.74
CA THR A 371 -2.16 -20.87 -7.45
C THR A 371 -3.55 -20.25 -7.33
N ILE A 372 -4.32 -20.33 -8.40
CA ILE A 372 -5.66 -19.79 -8.42
C ILE A 372 -6.72 -20.89 -8.38
N ASN A 373 -7.66 -20.77 -7.46
CA ASN A 373 -8.73 -21.74 -7.30
C ASN A 373 -9.89 -21.47 -8.26
N ALA A 374 -10.74 -22.48 -8.45
CA ALA A 374 -11.89 -22.39 -9.33
C ALA A 374 -12.81 -21.23 -8.96
N ASP A 375 -12.90 -20.92 -7.67
CA ASP A 375 -13.74 -19.82 -7.21
C ASP A 375 -13.03 -18.47 -7.27
N THR A 376 -11.84 -18.46 -7.88
CA THR A 376 -10.97 -17.29 -8.05
C THR A 376 -10.13 -16.87 -6.85
N THR A 377 -10.13 -17.67 -5.80
CA THR A 377 -9.32 -17.37 -4.62
C THR A 377 -7.94 -17.95 -4.86
N CYS A 378 -6.99 -17.68 -3.98
CA CYS A 378 -5.64 -18.21 -4.15
C CYS A 378 -5.33 -19.38 -3.21
N GLY A 379 -4.35 -20.18 -3.58
CA GLY A 379 -3.94 -21.29 -2.74
C GLY A 379 -2.56 -20.96 -2.21
N ASN A 380 -1.87 -21.95 -1.65
CA ASN A 380 -0.52 -21.79 -1.12
C ASN A 380 -0.35 -20.71 -0.06
N ASP A 381 -1.42 -20.48 0.69
CA ASP A 381 -1.41 -19.50 1.76
C ASP A 381 -1.36 -18.04 1.37
N TRP A 382 -1.61 -17.73 0.10
CA TRP A 382 -1.65 -16.34 -0.32
C TRP A 382 -3.10 -15.93 -0.04
N VAL A 383 -3.30 -14.89 0.76
CA VAL A 383 -4.64 -14.44 1.13
C VAL A 383 -5.41 -13.85 -0.05
N CYS A 384 -4.72 -13.08 -0.87
CA CYS A 384 -5.32 -12.44 -2.05
C CYS A 384 -6.59 -11.63 -1.79
N GLU A 385 -6.47 -10.62 -0.92
CA GLU A 385 -7.61 -9.77 -0.58
C GLU A 385 -8.14 -9.07 -1.83
N HIS A 386 -7.24 -8.73 -2.75
CA HIS A 386 -7.63 -8.04 -3.98
C HIS A 386 -8.55 -8.88 -4.87
N ARG A 387 -8.71 -10.16 -4.52
CA ARG A 387 -9.59 -11.06 -5.27
C ARG A 387 -10.92 -11.32 -4.57
N TRP A 388 -11.08 -10.85 -3.33
CA TRP A 388 -12.35 -11.02 -2.63
C TRP A 388 -13.33 -10.14 -3.41
N ARG A 389 -14.50 -10.69 -3.75
CA ARG A 389 -15.50 -9.93 -4.52
C ARG A 389 -15.76 -8.53 -3.98
N GLU A 390 -15.96 -8.46 -2.67
CA GLU A 390 -16.24 -7.22 -1.97
C GLU A 390 -15.20 -6.15 -2.20
N ILE A 391 -13.93 -6.56 -2.28
CA ILE A 391 -12.84 -5.62 -2.50
C ILE A 391 -12.65 -5.32 -3.99
N ARG A 392 -12.61 -6.35 -4.83
CA ARG A 392 -12.45 -6.10 -6.26
C ARG A 392 -13.58 -5.24 -6.83
N ASN A 393 -14.80 -5.44 -6.33
CA ASN A 393 -15.95 -4.67 -6.78
C ASN A 393 -15.91 -3.21 -6.30
N MET A 394 -15.29 -2.97 -5.14
CA MET A 394 -15.16 -1.60 -4.64
C MET A 394 -14.03 -0.86 -5.39
N VAL A 395 -13.02 -1.59 -5.84
CA VAL A 395 -11.94 -1.01 -6.63
C VAL A 395 -12.59 -0.47 -7.90
N TRP A 396 -13.50 -1.26 -8.46
CA TRP A 396 -14.25 -0.89 -9.66
C TRP A 396 -15.15 0.32 -9.38
N PHE A 397 -15.76 0.33 -8.18
CA PHE A 397 -16.65 1.41 -7.75
C PHE A 397 -15.91 2.75 -7.85
N ARG A 398 -14.69 2.76 -7.34
CA ARG A 398 -13.87 3.97 -7.33
C ARG A 398 -13.55 4.47 -8.74
N ASN A 399 -13.29 3.54 -9.65
CA ASN A 399 -13.02 3.90 -11.05
C ASN A 399 -14.26 4.58 -11.61
N VAL A 400 -15.41 3.92 -11.45
CA VAL A 400 -16.72 4.40 -11.94
C VAL A 400 -17.14 5.77 -11.44
N VAL A 401 -16.96 6.04 -10.15
CA VAL A 401 -17.36 7.34 -9.59
C VAL A 401 -16.28 8.42 -9.65
N ASP A 402 -15.12 8.08 -10.18
CA ASP A 402 -13.98 9.00 -10.25
C ASP A 402 -14.36 10.44 -10.59
N GLY A 403 -14.04 11.35 -9.68
CA GLY A 403 -14.33 12.75 -9.90
C GLY A 403 -15.64 13.27 -9.33
N GLN A 404 -16.56 12.35 -9.06
CA GLN A 404 -17.86 12.72 -8.50
C GLN A 404 -17.69 13.20 -7.08
N PRO A 405 -18.37 14.29 -6.72
CA PRO A 405 -18.27 14.84 -5.36
C PRO A 405 -18.99 14.04 -4.30
N PHE A 406 -18.48 14.15 -3.08
CA PHE A 406 -19.07 13.51 -1.90
C PHE A 406 -20.45 14.14 -1.82
N ALA A 407 -21.49 13.32 -1.70
CA ALA A 407 -22.85 13.85 -1.64
C ALA A 407 -23.81 12.95 -0.89
N ASN A 408 -24.99 13.50 -0.57
CA ASN A 408 -26.06 12.79 0.11
C ASN A 408 -25.68 11.96 1.34
N TRP A 409 -25.00 12.60 2.27
CA TRP A 409 -24.59 11.94 3.51
C TRP A 409 -25.81 11.77 4.42
N TRP A 410 -25.88 10.61 5.07
CA TRP A 410 -26.95 10.32 6.01
C TRP A 410 -26.36 9.46 7.12
N ASP A 411 -26.85 9.66 8.34
CA ASP A 411 -26.42 8.85 9.47
C ASP A 411 -27.55 8.77 10.49
N ASN A 412 -27.61 7.67 11.22
CA ASN A 412 -28.64 7.48 12.23
C ASN A 412 -28.17 8.03 13.58
N GLY A 413 -27.12 8.84 13.55
CA GLY A 413 -26.57 9.42 14.76
C GLY A 413 -25.73 8.46 15.58
N SER A 414 -25.50 7.27 15.06
CA SER A 414 -24.73 6.27 15.77
C SER A 414 -23.73 5.57 14.84
N ASN A 415 -24.05 4.36 14.40
CA ASN A 415 -23.14 3.61 13.50
C ASN A 415 -23.72 3.18 12.15
N GLN A 416 -24.78 3.85 11.72
CA GLN A 416 -25.39 3.59 10.41
C GLN A 416 -25.18 4.87 9.62
N VAL A 417 -24.46 4.76 8.50
CA VAL A 417 -24.15 5.92 7.68
C VAL A 417 -24.27 5.57 6.22
N ALA A 418 -24.38 6.59 5.38
CA ALA A 418 -24.49 6.40 3.95
C ALA A 418 -24.09 7.69 3.24
N PHE A 419 -23.60 7.54 2.02
CA PHE A 419 -23.23 8.68 1.20
C PHE A 419 -23.05 8.24 -0.23
N GLY A 420 -23.12 9.20 -1.13
CA GLY A 420 -22.97 8.90 -2.53
C GLY A 420 -21.87 9.73 -3.14
N ARG A 421 -21.60 9.46 -4.41
CA ARG A 421 -20.59 10.17 -5.15
C ARG A 421 -21.31 10.71 -6.39
N GLY A 422 -21.64 12.00 -6.34
CA GLY A 422 -22.36 12.63 -7.42
C GLY A 422 -23.59 11.80 -7.70
N ASN A 423 -23.77 11.44 -8.96
CA ASN A 423 -24.91 10.62 -9.36
C ASN A 423 -24.43 9.30 -9.96
N ARG A 424 -23.22 8.89 -9.61
CA ARG A 424 -22.67 7.66 -10.17
C ARG A 424 -22.57 6.49 -9.20
N GLY A 425 -22.72 6.74 -7.90
CA GLY A 425 -22.63 5.64 -6.94
C GLY A 425 -23.15 5.98 -5.57
N PHE A 426 -23.52 4.97 -4.80
CA PHE A 426 -24.05 5.17 -3.45
C PHE A 426 -23.66 3.95 -2.60
N ILE A 427 -23.35 4.20 -1.33
CA ILE A 427 -22.96 3.12 -0.41
C ILE A 427 -23.60 3.35 0.96
N VAL A 428 -24.07 2.26 1.60
CA VAL A 428 -24.74 2.33 2.91
C VAL A 428 -24.13 1.30 3.85
N PHE A 429 -23.84 1.72 5.09
CA PHE A 429 -23.24 0.83 6.09
C PHE A 429 -24.10 0.73 7.33
N ASN A 430 -24.13 -0.46 7.92
CA ASN A 430 -24.85 -0.67 9.17
C ASN A 430 -23.84 -1.31 10.13
N ASN A 431 -23.21 -0.49 10.96
CA ASN A 431 -22.23 -1.01 11.92
C ASN A 431 -22.82 -0.97 13.34
N ASP A 432 -24.14 -0.95 13.42
CA ASP A 432 -24.84 -0.90 14.70
C ASP A 432 -25.28 -2.30 15.11
N ASP A 433 -25.78 -2.42 16.33
CA ASP A 433 -26.24 -3.71 16.82
C ASP A 433 -27.73 -3.89 16.63
N TRP A 434 -28.24 -3.28 15.57
CA TRP A 434 -29.65 -3.37 15.24
C TRP A 434 -29.91 -3.19 13.75
N GLN A 435 -31.14 -3.45 13.34
CA GLN A 435 -31.58 -3.38 11.95
C GLN A 435 -31.52 -2.04 11.27
N LEU A 436 -31.22 -2.06 9.98
CA LEU A 436 -31.21 -0.87 9.16
C LEU A 436 -32.32 -1.15 8.15
N SER A 437 -33.34 -0.31 8.14
CA SER A 437 -34.46 -0.46 7.23
C SER A 437 -34.95 0.97 7.03
N SER A 438 -34.37 1.64 6.04
CA SER A 438 -34.71 3.03 5.77
C SER A 438 -34.75 3.30 4.29
N THR A 439 -35.46 4.36 3.94
CA THR A 439 -35.59 4.78 2.57
C THR A 439 -34.72 6.04 2.49
N LEU A 440 -33.62 5.94 1.72
CA LEU A 440 -32.66 7.03 1.58
C LEU A 440 -32.55 7.63 0.18
N GLN A 441 -32.12 8.89 0.12
CA GLN A 441 -31.91 9.57 -1.15
C GLN A 441 -30.52 9.12 -1.61
N THR A 442 -30.48 8.50 -2.78
CA THR A 442 -29.23 7.98 -3.34
C THR A 442 -28.56 8.93 -4.33
N GLY A 443 -29.33 9.85 -4.89
CA GLY A 443 -28.78 10.77 -5.86
C GLY A 443 -28.62 10.11 -7.23
N LEU A 444 -29.01 8.85 -7.32
CA LEU A 444 -28.92 8.10 -8.58
C LEU A 444 -30.21 8.10 -9.37
N PRO A 445 -30.11 7.96 -10.70
CA PRO A 445 -31.30 7.94 -11.55
C PRO A 445 -32.06 6.64 -11.33
N GLY A 446 -33.39 6.70 -11.45
CA GLY A 446 -34.19 5.51 -11.25
C GLY A 446 -33.75 4.29 -12.02
N GLY A 447 -34.04 3.12 -11.46
CA GLY A 447 -33.67 1.87 -12.10
C GLY A 447 -33.40 0.81 -11.06
N THR A 448 -33.03 -0.39 -11.50
CA THR A 448 -32.72 -1.48 -10.60
C THR A 448 -31.20 -1.71 -10.66
N TYR A 449 -30.55 -1.63 -9.51
CA TYR A 449 -29.11 -1.81 -9.45
C TYR A 449 -28.73 -3.08 -8.72
N CYS A 450 -27.60 -3.65 -9.10
CA CYS A 450 -27.10 -4.84 -8.44
C CYS A 450 -26.19 -4.37 -7.32
N ASN A 451 -26.31 -5.00 -6.15
CA ASN A 451 -25.45 -4.67 -5.04
C ASN A 451 -24.16 -5.37 -5.37
N VAL A 452 -23.07 -4.61 -5.49
CA VAL A 452 -21.75 -5.17 -5.83
C VAL A 452 -20.99 -5.79 -4.66
N ILE A 453 -21.56 -5.72 -3.46
CA ILE A 453 -20.93 -6.33 -2.30
C ILE A 453 -21.39 -7.79 -2.15
N SER A 454 -22.70 -8.01 -2.28
CA SER A 454 -23.25 -9.37 -2.16
C SER A 454 -23.19 -10.16 -3.46
N GLY A 455 -23.03 -9.47 -4.59
CA GLY A 455 -22.97 -10.19 -5.84
C GLY A 455 -22.37 -9.35 -6.94
N ASP A 456 -22.65 -9.75 -8.17
CA ASP A 456 -22.16 -9.06 -9.35
C ASP A 456 -23.32 -8.93 -10.30
N LYS A 457 -23.17 -8.06 -11.29
CA LYS A 457 -24.18 -7.91 -12.32
C LYS A 457 -23.72 -8.88 -13.39
N VAL A 458 -24.50 -9.92 -13.63
CA VAL A 458 -24.15 -10.92 -14.62
C VAL A 458 -25.20 -10.92 -15.71
N GLY A 459 -24.84 -10.34 -16.85
CA GLY A 459 -25.75 -10.26 -17.97
C GLY A 459 -26.87 -9.28 -17.70
N ASN A 460 -28.10 -9.78 -17.67
CA ASN A 460 -29.26 -8.94 -17.43
C ASN A 460 -29.84 -9.26 -16.06
N SER A 461 -28.97 -9.68 -15.13
CA SER A 461 -29.42 -10.02 -13.79
C SER A 461 -28.34 -9.83 -12.74
N CYS A 462 -28.74 -9.84 -11.48
CA CYS A 462 -27.82 -9.70 -10.36
C CYS A 462 -27.71 -11.04 -9.67
N THR A 463 -26.53 -11.35 -9.15
CA THR A 463 -26.31 -12.62 -8.46
C THR A 463 -26.56 -12.48 -6.96
N GLY A 464 -26.66 -11.24 -6.49
CA GLY A 464 -26.91 -11.00 -5.07
C GLY A 464 -28.12 -10.10 -4.92
N ILE A 465 -28.04 -9.18 -3.97
CA ILE A 465 -29.12 -8.23 -3.70
C ILE A 465 -29.33 -7.26 -4.87
N LYS A 466 -30.58 -6.89 -5.11
CA LYS A 466 -30.95 -5.92 -6.14
C LYS A 466 -31.58 -4.77 -5.38
N VAL A 467 -31.34 -3.55 -5.83
CA VAL A 467 -31.89 -2.37 -5.19
C VAL A 467 -32.70 -1.59 -6.22
N TYR A 468 -34.00 -1.45 -5.97
CA TYR A 468 -34.85 -0.71 -6.88
C TYR A 468 -34.86 0.77 -6.45
N VAL A 469 -34.39 1.64 -7.35
CA VAL A 469 -34.33 3.07 -7.09
C VAL A 469 -35.45 3.75 -7.87
N SER A 470 -36.27 4.57 -7.20
CA SER A 470 -37.36 5.25 -7.88
C SER A 470 -36.89 6.49 -8.64
N SER A 471 -37.81 7.04 -9.42
CA SER A 471 -37.55 8.21 -10.23
C SER A 471 -37.02 9.41 -9.46
N ASP A 472 -37.33 9.49 -8.18
CA ASP A 472 -36.84 10.62 -7.40
C ASP A 472 -35.50 10.34 -6.71
N GLY A 473 -34.87 9.22 -7.07
CA GLY A 473 -33.59 8.85 -6.52
C GLY A 473 -33.59 8.25 -5.13
N THR A 474 -34.77 7.90 -4.64
CA THR A 474 -34.92 7.32 -3.32
C THR A 474 -35.02 5.79 -3.39
N ALA A 475 -34.50 5.10 -2.38
CA ALA A 475 -34.55 3.63 -2.34
C ALA A 475 -34.54 3.10 -0.90
N GLN A 476 -35.00 1.87 -0.71
CA GLN A 476 -34.99 1.28 0.63
C GLN A 476 -33.82 0.33 0.81
N PHE A 477 -33.17 0.42 1.96
CA PHE A 477 -32.05 -0.44 2.28
C PHE A 477 -32.35 -1.15 3.58
N SER A 478 -32.28 -2.48 3.55
CA SER A 478 -32.55 -3.31 4.71
C SER A 478 -31.28 -4.10 4.96
N ILE A 479 -30.60 -3.79 6.06
CA ILE A 479 -29.38 -4.48 6.40
C ILE A 479 -29.47 -4.93 7.86
N SER A 480 -29.36 -6.24 8.05
CA SER A 480 -29.41 -6.83 9.36
C SER A 480 -28.03 -6.69 9.99
N ASN A 481 -27.98 -6.51 11.30
CA ASN A 481 -26.69 -6.37 11.99
C ASN A 481 -25.94 -7.71 11.98
N SER A 482 -26.59 -8.76 11.51
CA SER A 482 -25.96 -10.07 11.44
C SER A 482 -25.58 -10.44 10.01
N ALA A 483 -25.75 -9.50 9.09
CA ALA A 483 -25.42 -9.74 7.69
C ALA A 483 -23.93 -10.05 7.57
N GLN A 484 -23.59 -11.00 6.69
CA GLN A 484 -22.20 -11.39 6.46
C GLN A 484 -21.36 -10.15 6.18
N ASP A 485 -21.87 -9.33 5.28
CA ASP A 485 -21.25 -8.06 4.91
C ASP A 485 -22.31 -7.03 5.21
N PRO A 486 -22.17 -6.30 6.32
CA PRO A 486 -23.15 -5.29 6.71
C PRO A 486 -23.15 -3.98 5.91
N PHE A 487 -22.97 -4.08 4.60
CA PHE A 487 -23.00 -2.89 3.75
C PHE A 487 -23.41 -3.21 2.32
N ILE A 488 -23.97 -2.21 1.66
CA ILE A 488 -24.44 -2.32 0.28
C ILE A 488 -23.86 -1.17 -0.54
N ALA A 489 -23.49 -1.48 -1.78
CA ALA A 489 -22.93 -0.49 -2.69
C ALA A 489 -23.46 -0.71 -4.09
N ILE A 490 -23.91 0.37 -4.72
CA ILE A 490 -24.42 0.29 -6.08
C ILE A 490 -23.83 1.47 -6.86
N HIS A 491 -23.73 1.32 -8.17
CA HIS A 491 -23.19 2.40 -9.00
C HIS A 491 -23.71 2.34 -10.43
N ALA A 492 -23.38 3.38 -11.20
CA ALA A 492 -23.79 3.53 -12.58
C ALA A 492 -23.68 2.27 -13.44
N GLU A 493 -22.62 1.50 -13.22
CA GLU A 493 -22.42 0.31 -14.01
C GLU A 493 -22.98 -1.01 -13.48
N SER A 494 -23.72 -0.97 -12.38
CA SER A 494 -24.33 -2.19 -11.84
C SER A 494 -25.83 -2.10 -12.10
N LYS A 495 -26.23 -1.07 -12.84
CA LYS A 495 -27.63 -0.86 -13.18
C LYS A 495 -28.02 -1.82 -14.28
N LEU A 496 -29.20 -2.44 -14.15
CA LEU A 496 -29.72 -3.36 -15.15
C LEU A 496 -30.41 -2.54 -16.24
C1 GLC B . 11.83 -3.76 8.42
C2 GLC B . 11.40 -4.38 9.77
C3 GLC B . 12.51 -4.33 10.83
C4 GLC B . 13.79 -4.91 10.25
C5 GLC B . 14.16 -4.07 9.03
C6 GLC B . 15.48 -4.45 8.40
O2 GLC B . 10.26 -3.67 10.26
O3 GLC B . 12.10 -5.08 11.97
O4 GLC B . 14.88 -4.88 11.22
O5 GLC B . 13.12 -4.21 8.03
O6 GLC B . 15.55 -5.84 8.13
C1 AGL B . 15.59 -6.09 11.38
C2 AGL B . 15.40 -6.59 12.79
C3 AGL B . 16.07 -5.65 13.78
C4 AGL B . 17.56 -5.51 13.45
C5 AGL B . 17.67 -5.03 11.99
C6 AGL B . 19.10 -4.93 11.50
O2 AGL B . 14.03 -6.68 13.10
O3 AGL B . 15.92 -6.15 15.10
N4 AGL B . 18.28 -4.82 14.33
O5 AGL B . 16.98 -5.93 11.11
C2 BGC C . 3.36 7.14 17.54
C3 BGC C . 4.21 6.91 16.31
C4 BGC C . 5.07 5.69 16.59
C5 BGC C . 4.16 4.49 16.89
C6 BGC C . 4.97 3.27 17.28
C1 BGC C . 2.45 5.92 17.76
O1 BGC C . 1.77 6.12 18.96
O2 BGC C . 2.60 8.33 17.38
O3 BGC C . 5.03 8.05 16.08
O4 BGC C . 5.92 5.41 15.46
O5 BGC C . 3.29 4.79 18.00
O6 BGC C . 5.99 3.62 18.20
C1 GLC C . 7.29 5.38 15.75
C2 GLC C . 8.03 6.32 14.82
C3 GLC C . 8.17 5.72 13.41
C4 GLC C . 8.73 4.31 13.49
C5 GLC C . 7.83 3.49 14.41
C6 GLC C . 8.29 2.06 14.59
O2 GLC C . 7.34 7.55 14.73
O3 GLC C . 9.03 6.53 12.63
O4 GLC C . 8.80 3.73 12.17
O5 GLC C . 7.82 4.07 15.71
O6 GLC C . 9.48 2.01 15.37
C1 AGL C . 10.02 3.16 11.79
C2 AGL C . 10.52 3.80 10.50
C3 AGL C . 9.82 3.24 9.25
C4 AGL C . 9.87 1.70 9.24
C5 AGL C . 9.22 1.24 10.56
C6 AGL C . 9.19 -0.28 10.75
O2 AGL C . 10.32 5.20 10.55
O3 AGL C . 10.46 3.75 8.08
N4 AGL C . 9.13 1.17 8.09
O5 AGL C . 9.96 1.76 11.69
C1 GLC D . -12.62 -13.96 3.69
C2 GLC D . -13.67 -12.92 3.31
C3 GLC D . -14.58 -13.39 2.18
C4 GLC D . -13.74 -13.88 1.02
C5 GLC D . -12.90 -15.04 1.55
C6 GLC D . -12.12 -15.83 0.52
O1 GLC D . -13.21 -14.98 4.44
O2 GLC D . -14.47 -12.63 4.45
O3 GLC D . -15.45 -12.34 1.77
O4 GLC D . -14.60 -14.32 -0.05
O5 GLC D . -11.98 -14.54 2.53
O6 GLC D . -11.11 -15.05 -0.08
C1 GLC D . -15.06 -13.36 -0.96
C2 GLC D . -16.55 -13.58 -1.21
C3 GLC D . -16.73 -14.95 -1.84
C4 GLC D . -15.96 -15.00 -3.16
C5 GLC D . -14.48 -14.71 -2.87
C6 GLC D . -13.61 -14.65 -4.12
O2 GLC D . -17.27 -13.51 0.02
O3 GLC D . -18.11 -15.22 -2.06
O4 GLC D . -16.09 -16.28 -3.76
O5 GLC D . -14.36 -13.44 -2.20
O6 GLC D . -14.03 -13.60 -4.98
C1 GLC E . -15.07 13.50 16.78
C2 GLC E . -14.04 12.38 17.07
C3 GLC E . -12.60 12.84 16.76
C4 GLC E . -12.64 13.24 15.31
C5 GLC E . -13.49 14.50 15.20
C6 GLC E . -13.45 15.15 13.82
O1 GLC E . -15.02 14.47 17.76
O2 GLC E . -14.13 11.99 18.43
O3 GLC E . -11.70 11.76 16.97
O4 GLC E . -11.33 13.36 14.68
O5 GLC E . -14.86 14.14 15.49
O6 GLC E . -14.48 16.11 13.68
C2 BGC E . -9.05 13.56 15.33
C3 BGC E . -8.08 14.54 15.98
C4 BGC E . -7.91 15.74 15.05
C5 BGC E . -9.29 16.39 14.80
C6 BGC E . -9.25 17.54 13.81
C1 BGC E . -10.38 14.27 15.13
O2 BGC E . -9.22 12.42 16.16
O3 BGC E . -6.83 13.91 16.22
O4 BGC E . -7.02 16.68 15.65
O5 BGC E . -10.23 15.41 14.29
O6 BGC E . -10.56 18.07 13.61
C1 HMC F . 9.95 0.79 6.92
C2 HMC F . 9.35 -0.48 6.28
O2 HMC F . 7.94 -0.40 6.12
C3 HMC F . 9.79 -1.66 7.17
O3 HMC F . 9.31 -2.88 6.65
C4 HMC F . 11.37 -1.67 7.30
O4 HMC F . 11.74 -2.36 8.46
C5 HMC F . 12.13 -0.31 7.32
C6 HMC F . 11.45 0.84 7.15
C7 HMC F . 13.64 -0.29 7.53
O7 HMC F . 14.24 -0.55 6.29
C2 BGC G . -39.95 4.07 -4.64
C3 BGC G . -39.07 3.52 -3.54
C4 BGC G . -38.91 4.65 -2.54
C5 BGC G . -40.30 4.92 -1.95
C6 BGC G . -40.33 5.92 -0.82
C1 BGC G . -41.33 4.53 -4.09
O1 BGC G . -41.89 5.36 -5.05
O2 BGC G . -40.09 3.10 -5.67
O3 BGC G . -37.82 3.07 -4.06
O4 BGC G . -37.98 4.32 -1.53
O5 BGC G . -41.17 5.42 -2.97
O6 BGC G . -41.65 6.10 -0.32
CA CA H . 19.46 8.36 7.34
CL CL I . 4.05 2.12 3.18
#